data_1RI6
#
_entry.id   1RI6
#
_cell.length_a   57.984
_cell.length_b   61.590
_cell.length_c   88.635
_cell.angle_alpha   90.00
_cell.angle_beta   90.00
_cell.angle_gamma   90.00
#
_symmetry.space_group_name_H-M   'P 21 21 21'
#
loop_
_entity.id
_entity.type
_entity.pdbx_description
1 polymer 'putative isomerase ybhE'
2 water water
#
_entity_poly.entity_id   1
_entity_poly.type   'polypeptide(L)'
_entity_poly.pdbx_seq_one_letter_code
;MSLKQTVYIASPESQQIHVWNLNHEGALTLTQVVDVPGQVQPMVVSPDKRYLYVGVRPEFRVLAYRIAPDDGALTFAAES
ALPGSLTHISTDHQGQFVFVGSYNAGNVSVTRLEDGLPVGVVDVVEGLDGCHSANISPDNRTLWVPALKQDRICLFTVSD
DGHLVAQDPAEVTTVEGAGPRHMVFHPNEQYAYCVNELNSSVDVWELKDPHGNIECVQTLDMMPENFSDTRWAADIHITP
DGRHLYACDRTASLITVFSVSEDGSVLSKEGFQPTETQPRGFNVDHSGKYLIAAGQKSHHISVYEIVGEQGLLHEKGRYA
VGQGPMWVVVNAHEGGSHHHHHH
;
_entity_poly.pdbx_strand_id   A
#
# COMPACT_ATOMS: atom_id res chain seq x y z
N SER A 2 18.54 -13.71 -14.41
CA SER A 2 17.75 -12.59 -14.97
C SER A 2 16.57 -12.31 -14.04
N LEU A 3 16.07 -11.08 -14.09
CA LEU A 3 14.96 -10.66 -13.24
C LEU A 3 13.67 -11.45 -13.44
N LYS A 4 13.10 -11.93 -12.35
CA LYS A 4 11.82 -12.63 -12.38
C LYS A 4 10.91 -11.92 -11.38
N GLN A 5 9.67 -11.64 -11.78
CA GLN A 5 8.72 -10.97 -10.90
C GLN A 5 7.36 -11.64 -10.88
N THR A 6 6.74 -11.63 -9.71
CA THR A 6 5.43 -12.23 -9.54
C THR A 6 4.46 -11.16 -9.04
N VAL A 7 3.30 -11.08 -9.67
CA VAL A 7 2.28 -10.11 -9.28
C VAL A 7 1.15 -10.83 -8.54
N TYR A 8 0.81 -10.33 -7.36
CA TYR A 8 -0.27 -10.93 -6.58
C TYR A 8 -1.47 -10.00 -6.50
N ILE A 9 -2.65 -10.55 -6.79
CA ILE A 9 -3.89 -9.76 -6.76
C ILE A 9 -4.88 -10.34 -5.76
N ALA A 10 -5.40 -9.49 -4.89
CA ALA A 10 -6.38 -9.94 -3.89
C ALA A 10 -7.79 -9.62 -4.35
N SER A 11 -8.64 -10.63 -4.41
CA SER A 11 -10.03 -10.46 -4.80
C SER A 11 -10.87 -11.03 -3.66
N PRO A 12 -11.20 -10.19 -2.67
CA PRO A 12 -11.99 -10.57 -1.50
C PRO A 12 -13.36 -11.20 -1.77
N GLU A 13 -14.13 -10.58 -2.65
CA GLU A 13 -15.46 -11.06 -2.96
C GLU A 13 -15.54 -12.51 -3.46
N SER A 14 -14.54 -12.96 -4.20
CA SER A 14 -14.52 -14.34 -4.68
C SER A 14 -13.52 -15.14 -3.85
N GLN A 15 -12.98 -14.50 -2.82
CA GLN A 15 -12.01 -15.13 -1.93
C GLN A 15 -10.89 -15.80 -2.69
N GLN A 16 -10.26 -15.05 -3.57
CA GLN A 16 -9.18 -15.58 -4.39
C GLN A 16 -7.97 -14.68 -4.41
N ILE A 17 -6.83 -15.28 -4.72
CA ILE A 17 -5.58 -14.56 -4.88
C ILE A 17 -5.03 -15.07 -6.20
N HIS A 18 -4.87 -14.17 -7.17
CA HIS A 18 -4.34 -14.55 -8.47
C HIS A 18 -2.84 -14.27 -8.54
N VAL A 19 -2.08 -15.30 -8.93
CA VAL A 19 -0.62 -15.21 -9.03
C VAL A 19 -0.16 -15.15 -10.48
N TRP A 20 0.45 -14.03 -10.85
CA TRP A 20 0.91 -13.83 -12.23
C TRP A 20 2.41 -13.63 -12.35
N ASN A 21 2.99 -14.13 -13.45
CA ASN A 21 4.40 -13.93 -13.73
C ASN A 21 4.43 -12.74 -14.66
N LEU A 22 5.34 -11.81 -14.40
CA LEU A 22 5.50 -10.59 -15.20
C LEU A 22 6.83 -10.61 -15.93
N ASN A 23 6.81 -10.68 -17.26
CA ASN A 23 8.08 -10.69 -18.00
C ASN A 23 8.52 -9.26 -18.33
N HIS A 24 9.69 -9.12 -18.96
CA HIS A 24 10.21 -7.80 -19.29
C HIS A 24 9.38 -7.00 -20.29
N GLU A 25 8.45 -7.65 -20.97
CA GLU A 25 7.61 -6.96 -21.94
C GLU A 25 6.31 -6.47 -21.29
N GLY A 26 6.13 -6.82 -20.02
CA GLY A 26 4.93 -6.40 -19.32
C GLY A 26 3.78 -7.39 -19.46
N ALA A 27 4.05 -8.52 -20.09
CA ALA A 27 3.02 -9.53 -20.27
C ALA A 27 2.91 -10.40 -19.01
N LEU A 28 1.70 -10.80 -18.66
CA LEU A 28 1.50 -11.64 -17.50
C LEU A 28 0.98 -13.01 -17.92
N THR A 29 1.31 -14.02 -17.15
CA THR A 29 0.85 -15.38 -17.40
C THR A 29 0.37 -15.88 -16.04
N LEU A 30 -0.83 -16.45 -16.03
CA LEU A 30 -1.43 -16.96 -14.81
C LEU A 30 -0.67 -18.17 -14.28
N THR A 31 -0.09 -18.01 -13.09
CA THR A 31 0.68 -19.08 -12.47
C THR A 31 -0.15 -19.90 -11.48
N GLN A 32 -1.03 -19.21 -10.76
CA GLN A 32 -1.85 -19.89 -9.77
C GLN A 32 -3.03 -19.05 -9.31
N VAL A 33 -4.11 -19.74 -8.92
CA VAL A 33 -5.29 -19.08 -8.40
C VAL A 33 -5.51 -19.72 -7.04
N VAL A 34 -5.32 -18.93 -5.99
CA VAL A 34 -5.48 -19.44 -4.63
C VAL A 34 -6.88 -19.20 -4.06
N ASP A 35 -7.48 -20.26 -3.52
CA ASP A 35 -8.78 -20.15 -2.89
C ASP A 35 -8.51 -19.94 -1.41
N VAL A 36 -8.70 -18.70 -0.96
CA VAL A 36 -8.45 -18.35 0.43
C VAL A 36 -9.67 -18.63 1.30
N PRO A 37 -9.45 -19.14 2.52
CA PRO A 37 -10.55 -19.45 3.44
C PRO A 37 -11.11 -18.18 4.05
N GLY A 38 -11.40 -17.21 3.19
CA GLY A 38 -11.94 -15.94 3.64
C GLY A 38 -11.71 -14.84 2.63
N GLN A 39 -12.32 -13.68 2.87
CA GLN A 39 -12.19 -12.54 1.97
C GLN A 39 -10.86 -11.83 2.20
N VAL A 40 -9.90 -12.14 1.35
CA VAL A 40 -8.57 -11.56 1.45
C VAL A 40 -8.53 -10.13 0.93
N GLN A 41 -7.90 -9.24 1.68
CA GLN A 41 -7.79 -7.86 1.26
C GLN A 41 -6.34 -7.35 1.26
N PRO A 42 -5.80 -6.88 2.40
CA PRO A 42 -4.42 -6.40 2.36
C PRO A 42 -3.39 -7.54 2.23
N MET A 43 -2.27 -7.25 1.59
CA MET A 43 -1.20 -8.23 1.43
C MET A 43 0.16 -7.54 1.43
N VAL A 44 1.19 -8.25 1.89
CA VAL A 44 2.54 -7.70 1.89
C VAL A 44 3.55 -8.83 1.90
N VAL A 45 4.64 -8.65 1.16
CA VAL A 45 5.68 -9.66 1.09
C VAL A 45 6.68 -9.43 2.22
N SER A 46 7.17 -10.50 2.82
CA SER A 46 8.12 -10.39 3.90
C SER A 46 9.43 -9.83 3.35
N PRO A 47 10.21 -9.14 4.19
CA PRO A 47 11.48 -8.57 3.74
C PRO A 47 12.40 -9.63 3.10
N ASP A 48 12.41 -10.84 3.65
CA ASP A 48 13.24 -11.91 3.11
C ASP A 48 12.58 -12.66 1.97
N LYS A 49 11.37 -12.22 1.61
CA LYS A 49 10.62 -12.80 0.50
C LYS A 49 10.19 -14.26 0.64
N ARG A 50 10.27 -14.80 1.86
CA ARG A 50 9.87 -16.18 2.09
C ARG A 50 8.37 -16.33 2.28
N TYR A 51 7.70 -15.26 2.73
CA TYR A 51 6.26 -15.32 2.96
C TYR A 51 5.45 -14.13 2.47
N LEU A 52 4.17 -14.37 2.27
CA LEU A 52 3.20 -13.35 1.86
C LEU A 52 2.17 -13.33 2.98
N TYR A 53 2.07 -12.20 3.67
CA TYR A 53 1.11 -12.09 4.77
C TYR A 53 -0.12 -11.39 4.21
N VAL A 54 -1.30 -11.94 4.50
CA VAL A 54 -2.54 -11.35 4.03
C VAL A 54 -3.57 -11.32 5.16
N GLY A 55 -4.52 -10.40 5.05
CA GLY A 55 -5.55 -10.29 6.06
C GLY A 55 -6.86 -10.78 5.48
N VAL A 56 -7.69 -11.41 6.30
CA VAL A 56 -8.99 -11.91 5.86
C VAL A 56 -10.11 -11.64 6.86
N ARG A 57 -11.34 -11.80 6.39
CA ARG A 57 -12.57 -11.62 7.16
C ARG A 57 -13.57 -12.60 6.53
N PRO A 58 -14.73 -12.85 7.17
CA PRO A 58 -15.26 -12.33 8.44
C PRO A 58 -14.59 -12.84 9.72
N GLU A 59 -13.60 -13.71 9.59
CA GLU A 59 -12.88 -14.18 10.76
C GLU A 59 -11.50 -13.51 10.68
N PHE A 60 -11.37 -12.38 11.37
CA PHE A 60 -10.15 -11.59 11.37
C PHE A 60 -8.88 -12.35 11.72
N ARG A 61 -8.03 -12.54 10.72
CA ARG A 61 -6.78 -13.27 10.89
C ARG A 61 -5.72 -12.79 9.91
N VAL A 62 -4.46 -13.02 10.26
CA VAL A 62 -3.36 -12.72 9.36
C VAL A 62 -3.03 -14.13 8.89
N LEU A 63 -2.93 -14.32 7.58
CA LEU A 63 -2.58 -15.63 7.04
C LEU A 63 -1.19 -15.54 6.42
N ALA A 64 -0.34 -16.50 6.74
CA ALA A 64 1.02 -16.52 6.19
C ALA A 64 1.11 -17.61 5.13
N TYR A 65 1.47 -17.22 3.90
CA TYR A 65 1.61 -18.16 2.80
C TYR A 65 3.08 -18.22 2.41
N ARG A 66 3.61 -19.43 2.28
CA ARG A 66 5.00 -19.59 1.87
C ARG A 66 5.08 -19.26 0.38
N ILE A 67 6.11 -18.52 0.00
CA ILE A 67 6.31 -18.14 -1.39
C ILE A 67 7.38 -19.01 -2.05
N ALA A 68 7.00 -19.80 -3.05
CA ALA A 68 7.96 -20.63 -3.75
C ALA A 68 8.94 -19.71 -4.46
N PRO A 69 10.24 -19.84 -4.15
CA PRO A 69 11.26 -19.00 -4.78
C PRO A 69 11.41 -19.13 -6.29
N ASP A 70 10.85 -20.19 -6.85
CA ASP A 70 10.95 -20.42 -8.29
C ASP A 70 9.87 -19.71 -9.10
N ASP A 71 8.60 -20.07 -8.87
CA ASP A 71 7.50 -19.46 -9.61
C ASP A 71 6.58 -18.60 -8.75
N GLY A 72 6.95 -18.41 -7.49
CA GLY A 72 6.14 -17.58 -6.60
C GLY A 72 4.81 -18.18 -6.15
N ALA A 73 4.62 -19.48 -6.36
CA ALA A 73 3.39 -20.13 -5.96
C ALA A 73 3.19 -19.98 -4.45
N LEU A 74 1.94 -20.01 -4.00
CA LEU A 74 1.64 -19.85 -2.57
C LEU A 74 1.07 -21.09 -1.91
N THR A 75 1.45 -21.32 -0.66
CA THR A 75 0.93 -22.45 0.10
C THR A 75 0.72 -22.02 1.55
N PHE A 76 -0.47 -22.31 2.09
CA PHE A 76 -0.79 -21.94 3.45
C PHE A 76 0.25 -22.46 4.43
N ALA A 77 0.70 -21.60 5.33
CA ALA A 77 1.70 -21.97 6.32
C ALA A 77 1.21 -21.75 7.76
N ALA A 78 0.56 -20.62 8.01
CA ALA A 78 0.09 -20.33 9.34
C ALA A 78 -1.01 -19.27 9.38
N GLU A 79 -1.63 -19.12 10.54
CA GLU A 79 -2.69 -18.13 10.71
C GLU A 79 -2.66 -17.64 12.16
N SER A 80 -2.98 -16.36 12.34
CA SER A 80 -2.97 -15.75 13.66
C SER A 80 -4.14 -14.77 13.75
N ALA A 81 -4.91 -14.87 14.81
CA ALA A 81 -6.09 -14.02 14.99
C ALA A 81 -5.75 -12.57 15.35
N LEU A 82 -6.58 -11.64 14.85
CA LEU A 82 -6.44 -10.22 15.10
C LEU A 82 -7.72 -9.73 15.77
N PRO A 83 -7.65 -8.65 16.55
CA PRO A 83 -8.82 -8.10 17.24
C PRO A 83 -9.84 -7.44 16.31
N GLY A 84 -9.35 -6.82 15.24
CA GLY A 84 -10.25 -6.17 14.31
C GLY A 84 -9.96 -6.43 12.86
N SER A 85 -10.76 -5.83 11.98
CA SER A 85 -10.58 -5.98 10.54
C SER A 85 -9.19 -5.53 10.13
N LEU A 86 -8.55 -6.30 9.25
CA LEU A 86 -7.23 -5.94 8.76
C LEU A 86 -7.39 -5.06 7.53
N THR A 87 -7.41 -3.75 7.77
CA THR A 87 -7.56 -2.76 6.71
C THR A 87 -6.25 -2.61 5.92
N HIS A 88 -5.15 -2.70 6.64
CA HIS A 88 -3.82 -2.58 6.05
C HIS A 88 -2.88 -3.54 6.77
N ILE A 89 -1.81 -3.94 6.11
CA ILE A 89 -0.84 -4.84 6.72
C ILE A 89 0.56 -4.48 6.21
N SER A 90 1.56 -4.66 7.06
CA SER A 90 2.94 -4.38 6.69
C SER A 90 3.85 -5.01 7.74
N THR A 91 5.17 -4.87 7.54
CA THR A 91 6.13 -5.42 8.49
C THR A 91 7.23 -4.39 8.70
N ASP A 92 8.12 -4.65 9.67
CA ASP A 92 9.23 -3.74 9.90
C ASP A 92 10.27 -4.22 8.89
N HIS A 93 11.38 -3.50 8.75
CA HIS A 93 12.41 -3.86 7.79
C HIS A 93 13.14 -5.17 8.06
N GLN A 94 13.13 -5.62 9.31
CA GLN A 94 13.82 -6.86 9.66
C GLN A 94 12.93 -8.08 9.60
N GLY A 95 11.64 -7.87 9.34
CA GLY A 95 10.70 -8.97 9.27
C GLY A 95 10.47 -9.64 10.61
N GLN A 96 10.49 -8.87 11.67
CA GLN A 96 10.27 -9.40 13.02
C GLN A 96 8.86 -9.15 13.50
N PHE A 97 8.21 -8.15 12.93
CA PHE A 97 6.85 -7.82 13.32
C PHE A 97 5.97 -7.49 12.13
N VAL A 98 4.68 -7.78 12.29
CA VAL A 98 3.68 -7.48 11.28
C VAL A 98 2.81 -6.41 11.92
N PHE A 99 2.63 -5.29 11.21
CA PHE A 99 1.80 -4.21 11.73
C PHE A 99 0.46 -4.28 11.03
N VAL A 100 -0.61 -4.07 11.79
CA VAL A 100 -1.95 -4.11 11.23
C VAL A 100 -2.79 -2.93 11.65
N GLY A 101 -3.27 -2.18 10.68
CA GLY A 101 -4.13 -1.06 10.97
C GLY A 101 -5.56 -1.53 10.78
N SER A 102 -6.43 -1.17 11.72
CA SER A 102 -7.83 -1.56 11.63
C SER A 102 -8.73 -0.34 11.63
N TYR A 103 -9.46 -0.16 10.53
CA TYR A 103 -10.36 0.97 10.38
C TYR A 103 -11.53 0.87 11.36
N ASN A 104 -12.26 -0.24 11.33
CA ASN A 104 -13.41 -0.43 12.20
C ASN A 104 -13.09 -0.41 13.70
N ALA A 105 -12.08 -1.17 14.10
CA ALA A 105 -11.72 -1.21 15.52
C ALA A 105 -11.03 0.09 15.91
N GLY A 106 -10.52 0.81 14.92
CA GLY A 106 -9.86 2.07 15.18
C GLY A 106 -8.60 1.91 16.01
N ASN A 107 -7.71 1.03 15.54
CA ASN A 107 -6.46 0.81 16.26
C ASN A 107 -5.40 0.26 15.34
N VAL A 108 -4.22 0.08 15.92
CA VAL A 108 -3.09 -0.47 15.20
C VAL A 108 -2.51 -1.50 16.17
N SER A 109 -2.10 -2.65 15.65
CA SER A 109 -1.54 -3.68 16.49
C SER A 109 -0.27 -4.24 15.91
N VAL A 110 0.53 -4.87 16.77
CA VAL A 110 1.80 -5.47 16.38
C VAL A 110 1.74 -6.96 16.67
N THR A 111 2.05 -7.77 15.66
CA THR A 111 2.05 -9.22 15.79
C THR A 111 3.48 -9.72 15.68
N ARG A 112 3.89 -10.58 16.62
CA ARG A 112 5.24 -11.11 16.61
C ARG A 112 5.41 -12.21 15.57
N LEU A 113 6.49 -12.12 14.80
CA LEU A 113 6.81 -13.11 13.79
C LEU A 113 7.99 -13.92 14.30
N GLU A 114 7.80 -15.23 14.40
CA GLU A 114 8.87 -16.11 14.83
C GLU A 114 9.28 -16.95 13.64
N ASP A 115 10.46 -16.64 13.12
CA ASP A 115 11.01 -17.29 11.95
C ASP A 115 10.03 -17.14 10.80
N GLY A 116 9.53 -15.92 10.65
CA GLY A 116 8.60 -15.62 9.57
C GLY A 116 7.12 -15.94 9.80
N LEU A 117 6.79 -16.67 10.86
CA LEU A 117 5.41 -17.03 11.13
C LEU A 117 4.79 -16.25 12.29
N PRO A 118 3.55 -15.76 12.12
CA PRO A 118 2.85 -14.99 13.15
C PRO A 118 2.48 -15.85 14.36
N VAL A 119 2.82 -15.37 15.55
CA VAL A 119 2.53 -16.11 16.78
C VAL A 119 1.69 -15.34 17.79
N GLY A 120 1.04 -14.26 17.36
CA GLY A 120 0.21 -13.50 18.29
C GLY A 120 0.50 -12.02 18.39
N VAL A 121 -0.44 -11.31 19.00
CA VAL A 121 -0.34 -9.86 19.19
C VAL A 121 0.51 -9.49 20.39
N VAL A 122 1.47 -8.59 20.17
CA VAL A 122 2.39 -8.14 21.19
C VAL A 122 1.90 -6.85 21.86
N ASP A 123 1.28 -5.99 21.07
CA ASP A 123 0.80 -4.72 21.61
C ASP A 123 -0.25 -4.11 20.69
N VAL A 124 -1.10 -3.26 21.26
CA VAL A 124 -2.16 -2.61 20.50
C VAL A 124 -2.40 -1.20 21.02
N VAL A 125 -2.68 -0.28 20.11
CA VAL A 125 -2.96 1.10 20.49
C VAL A 125 -4.38 1.44 20.02
N GLU A 126 -5.28 1.69 20.97
CA GLU A 126 -6.67 2.01 20.67
C GLU A 126 -6.87 3.51 20.46
N GLY A 127 -8.11 3.90 20.14
CA GLY A 127 -8.44 5.30 19.97
C GLY A 127 -7.97 5.97 18.68
N LEU A 128 -7.53 5.18 17.72
CA LEU A 128 -7.08 5.75 16.45
C LEU A 128 -8.23 5.55 15.46
N ASP A 129 -9.26 6.36 15.61
CA ASP A 129 -10.46 6.28 14.77
C ASP A 129 -10.17 6.22 13.28
N GLY A 130 -10.57 5.13 12.65
CA GLY A 130 -10.38 5.00 11.22
C GLY A 130 -8.95 4.74 10.79
N CYS A 131 -8.15 4.16 11.68
CA CYS A 131 -6.76 3.83 11.34
C CYS A 131 -6.81 3.13 9.97
N HIS A 132 -6.09 3.66 8.98
CA HIS A 132 -6.13 3.07 7.65
C HIS A 132 -4.83 2.44 7.14
N SER A 133 -3.74 2.61 7.89
CA SER A 133 -2.45 2.01 7.53
C SER A 133 -1.41 2.22 8.62
N ALA A 134 -0.37 1.40 8.58
CA ALA A 134 0.74 1.47 9.53
C ALA A 134 1.97 1.33 8.64
N ASN A 135 2.84 2.34 8.68
CA ASN A 135 4.02 2.37 7.83
C ASN A 135 5.29 2.71 8.60
N ILE A 136 6.21 1.74 8.69
CA ILE A 136 7.47 1.93 9.41
C ILE A 136 8.39 2.86 8.61
N SER A 137 9.07 3.76 9.33
CA SER A 137 9.99 4.69 8.70
C SER A 137 11.23 3.98 8.18
N PRO A 138 11.99 4.64 7.29
CA PRO A 138 13.21 4.08 6.70
C PRO A 138 14.22 3.54 7.71
N ASP A 139 14.34 4.20 8.87
CA ASP A 139 15.30 3.76 9.89
C ASP A 139 14.71 2.67 10.77
N ASN A 140 13.49 2.24 10.44
CA ASN A 140 12.81 1.18 11.15
C ASN A 140 12.46 1.46 12.62
N ARG A 141 12.45 2.73 13.01
CA ARG A 141 12.15 3.09 14.39
C ARG A 141 10.83 3.81 14.65
N THR A 142 10.31 4.48 13.63
CA THR A 142 9.06 5.24 13.80
C THR A 142 7.95 4.71 12.90
N LEU A 143 6.81 4.39 13.51
CA LEU A 143 5.67 3.89 12.76
C LEU A 143 4.71 5.05 12.49
N TRP A 144 4.42 5.29 11.21
CA TRP A 144 3.50 6.35 10.79
C TRP A 144 2.14 5.69 10.63
N VAL A 145 1.18 6.14 11.43
CA VAL A 145 -0.15 5.56 11.44
C VAL A 145 -1.28 6.55 11.14
N PRO A 146 -1.72 6.61 9.87
CA PRO A 146 -2.80 7.51 9.45
C PRO A 146 -4.15 7.10 10.08
N ALA A 147 -4.81 8.06 10.72
CA ALA A 147 -6.11 7.85 11.34
C ALA A 147 -7.08 8.67 10.50
N LEU A 148 -7.67 8.04 9.50
CA LEU A 148 -8.56 8.73 8.58
C LEU A 148 -9.63 9.62 9.22
N LYS A 149 -10.37 9.08 10.18
CA LYS A 149 -11.43 9.86 10.83
C LYS A 149 -10.93 11.01 11.71
N GLN A 150 -9.65 10.99 12.07
CA GLN A 150 -9.12 12.03 12.94
C GLN A 150 -8.22 13.05 12.25
N ASP A 151 -8.11 12.96 10.93
CA ASP A 151 -7.28 13.89 10.17
C ASP A 151 -5.89 14.07 10.76
N ARG A 152 -5.23 12.95 11.04
CA ARG A 152 -3.90 12.99 11.59
C ARG A 152 -3.19 11.68 11.30
N ILE A 153 -1.87 11.72 11.41
CA ILE A 153 -1.01 10.58 11.23
C ILE A 153 -0.28 10.50 12.55
N CYS A 154 -0.55 9.44 13.30
CA CYS A 154 0.08 9.25 14.59
C CYS A 154 1.48 8.68 14.41
N LEU A 155 2.38 9.07 15.31
CA LEU A 155 3.77 8.62 15.25
C LEU A 155 4.12 7.84 16.51
N PHE A 156 4.62 6.63 16.33
CA PHE A 156 5.01 5.80 17.46
C PHE A 156 6.43 5.27 17.30
N THR A 157 7.12 5.17 18.42
CA THR A 157 8.46 4.62 18.41
C THR A 157 8.21 3.13 18.57
N VAL A 158 8.87 2.32 17.75
CA VAL A 158 8.72 0.87 17.83
C VAL A 158 9.88 0.32 18.65
N SER A 159 9.61 -0.11 19.88
CA SER A 159 10.67 -0.64 20.73
C SER A 159 11.20 -1.96 20.20
N ASP A 160 12.28 -2.45 20.81
CA ASP A 160 12.89 -3.71 20.39
C ASP A 160 11.96 -4.91 20.51
N ASP A 161 11.12 -4.92 21.55
CA ASP A 161 10.21 -6.05 21.73
C ASP A 161 8.83 -5.81 21.10
N GLY A 162 8.79 -4.90 20.12
CA GLY A 162 7.56 -4.63 19.41
C GLY A 162 6.49 -3.76 20.06
N HIS A 163 6.81 -3.05 21.13
CA HIS A 163 5.81 -2.19 21.75
C HIS A 163 5.82 -0.81 21.09
N LEU A 164 4.64 -0.20 21.02
CA LEU A 164 4.50 1.12 20.41
C LEU A 164 4.41 2.20 21.48
N VAL A 165 5.29 3.19 21.38
CA VAL A 165 5.30 4.29 22.35
C VAL A 165 5.09 5.62 21.62
N ALA A 166 3.98 6.30 21.92
CA ALA A 166 3.67 7.58 21.30
C ALA A 166 4.84 8.56 21.45
N GLN A 167 5.27 9.13 20.34
CA GLN A 167 6.37 10.10 20.36
C GLN A 167 5.78 11.47 20.65
N ASP A 168 6.62 12.48 20.57
CA ASP A 168 6.18 13.85 20.76
C ASP A 168 6.88 14.76 19.77
N PRO A 169 6.12 15.44 18.90
CA PRO A 169 4.66 15.38 18.84
C PRO A 169 4.13 13.95 18.67
N ALA A 170 2.90 13.72 19.15
CA ALA A 170 2.27 12.41 19.05
C ALA A 170 1.75 12.16 17.64
N GLU A 171 1.69 13.23 16.85
CA GLU A 171 1.21 13.11 15.48
C GLU A 171 1.32 14.42 14.72
N VAL A 172 0.98 14.36 13.44
CA VAL A 172 0.96 15.52 12.56
C VAL A 172 -0.46 15.59 12.04
N THR A 173 -0.92 16.78 11.68
CA THR A 173 -2.29 16.97 11.23
C THR A 173 -2.48 17.33 9.76
N THR A 174 -3.65 16.98 9.23
CA THR A 174 -3.99 17.27 7.84
C THR A 174 -5.10 18.29 7.77
N VAL A 175 -5.53 18.57 6.54
CA VAL A 175 -6.62 19.50 6.30
C VAL A 175 -7.88 18.90 6.94
N GLU A 176 -8.78 19.75 7.39
CA GLU A 176 -10.02 19.30 8.00
C GLU A 176 -10.81 18.47 7.00
N GLY A 177 -11.12 17.23 7.37
CA GLY A 177 -11.88 16.37 6.47
C GLY A 177 -11.09 15.80 5.32
N ALA A 178 -9.76 15.81 5.42
CA ALA A 178 -8.93 15.26 4.35
C ALA A 178 -8.99 13.75 4.32
N GLY A 179 -8.91 13.11 5.47
CA GLY A 179 -8.97 11.66 5.54
C GLY A 179 -7.70 10.95 5.10
N PRO A 180 -6.58 11.14 5.82
CA PRO A 180 -5.32 10.47 5.47
C PRO A 180 -5.54 8.96 5.41
N ARG A 181 -5.16 8.33 4.29
CA ARG A 181 -5.38 6.91 4.08
C ARG A 181 -4.11 6.06 3.94
N HIS A 182 -3.44 6.17 2.79
CA HIS A 182 -2.22 5.43 2.51
C HIS A 182 -1.03 6.36 2.29
N MET A 183 0.18 5.82 2.41
CA MET A 183 1.37 6.62 2.23
C MET A 183 2.60 5.78 1.88
N VAL A 184 3.62 6.44 1.34
CA VAL A 184 4.88 5.79 0.98
C VAL A 184 6.02 6.77 1.24
N PHE A 185 7.23 6.24 1.40
CA PHE A 185 8.40 7.08 1.61
C PHE A 185 9.24 7.12 0.35
N HIS A 186 9.94 8.23 0.16
CA HIS A 186 10.81 8.39 -0.99
C HIS A 186 12.05 7.53 -0.76
N PRO A 187 12.64 6.98 -1.83
CA PRO A 187 13.83 6.14 -1.68
C PRO A 187 14.97 6.87 -0.95
N ASN A 188 15.00 8.20 -1.04
CA ASN A 188 16.07 8.95 -0.39
C ASN A 188 15.85 9.08 1.12
N GLU A 189 14.72 8.54 1.59
CA GLU A 189 14.37 8.53 3.00
C GLU A 189 14.17 9.91 3.62
N GLN A 190 14.01 10.94 2.78
CA GLN A 190 13.84 12.30 3.28
C GLN A 190 12.38 12.77 3.30
N TYR A 191 11.55 12.19 2.46
CA TYR A 191 10.16 12.59 2.39
C TYR A 191 9.18 11.43 2.38
N ALA A 192 7.92 11.74 2.67
CA ALA A 192 6.85 10.76 2.66
C ALA A 192 5.70 11.42 1.94
N TYR A 193 4.88 10.61 1.26
CA TYR A 193 3.73 11.13 0.53
C TYR A 193 2.51 10.37 0.99
N CYS A 194 1.49 11.12 1.40
CA CYS A 194 0.26 10.53 1.89
C CYS A 194 -0.92 10.94 1.02
N VAL A 195 -1.77 9.98 0.70
CA VAL A 195 -2.95 10.27 -0.11
C VAL A 195 -4.13 10.39 0.85
N ASN A 196 -4.89 11.45 0.70
CA ASN A 196 -6.05 11.70 1.56
C ASN A 196 -7.32 11.30 0.81
N GLU A 197 -8.06 10.35 1.38
CA GLU A 197 -9.28 9.83 0.76
C GLU A 197 -10.45 10.77 0.56
N LEU A 198 -10.84 11.48 1.61
CA LEU A 198 -12.01 12.35 1.54
C LEU A 198 -11.92 13.61 0.68
N ASN A 199 -10.72 14.09 0.37
CA ASN A 199 -10.64 15.27 -0.49
C ASN A 199 -9.70 15.04 -1.66
N SER A 200 -9.34 13.78 -1.87
CA SER A 200 -8.46 13.38 -2.97
C SER A 200 -7.27 14.31 -3.17
N SER A 201 -6.42 14.39 -2.15
CA SER A 201 -5.23 15.22 -2.22
C SER A 201 -4.04 14.39 -1.76
N VAL A 202 -2.84 14.87 -2.08
CA VAL A 202 -1.63 14.19 -1.68
C VAL A 202 -0.79 15.21 -0.90
N ASP A 203 -0.32 14.81 0.27
CA ASP A 203 0.52 15.69 1.09
C ASP A 203 1.96 15.22 1.03
N VAL A 204 2.89 16.18 0.91
CA VAL A 204 4.32 15.87 0.89
C VAL A 204 4.83 16.19 2.29
N TRP A 205 5.32 15.16 2.98
CA TRP A 205 5.83 15.32 4.34
C TRP A 205 7.35 15.23 4.39
N GLU A 206 8.00 16.27 4.93
CA GLU A 206 9.45 16.28 5.06
C GLU A 206 9.74 15.69 6.45
N LEU A 207 10.45 14.56 6.50
CA LEU A 207 10.73 13.90 7.79
C LEU A 207 11.45 14.78 8.81
N LYS A 208 12.41 15.57 8.36
CA LYS A 208 13.15 16.44 9.27
C LYS A 208 13.60 17.70 8.55
N ASP A 209 12.84 18.78 8.70
CA ASP A 209 13.17 20.03 8.03
C ASP A 209 14.35 20.73 8.69
N PRO A 210 14.78 21.90 8.14
CA PRO A 210 15.90 22.63 8.71
C PRO A 210 15.79 22.90 10.20
N HIS A 211 14.58 22.77 10.74
CA HIS A 211 14.38 23.03 12.15
C HIS A 211 14.14 21.76 12.97
N GLY A 212 14.39 20.62 12.34
CA GLY A 212 14.24 19.34 13.00
C GLY A 212 12.83 18.81 13.18
N ASN A 213 11.89 19.39 12.45
CA ASN A 213 10.50 18.97 12.57
C ASN A 213 9.93 18.25 11.35
N ILE A 214 8.88 17.46 11.58
CA ILE A 214 8.20 16.78 10.50
C ILE A 214 7.23 17.85 10.03
N GLU A 215 7.36 18.26 8.76
CA GLU A 215 6.51 19.32 8.22
C GLU A 215 5.84 18.93 6.92
N CYS A 216 4.62 19.41 6.71
CA CYS A 216 3.94 19.16 5.44
C CYS A 216 4.37 20.35 4.60
N VAL A 217 5.22 20.10 3.61
CA VAL A 217 5.73 21.18 2.77
C VAL A 217 4.96 21.43 1.47
N GLN A 218 4.09 20.50 1.08
CA GLN A 218 3.31 20.68 -0.14
C GLN A 218 2.03 19.85 -0.11
N THR A 219 0.98 20.40 -0.71
CA THR A 219 -0.30 19.73 -0.80
C THR A 219 -0.88 19.94 -2.19
N LEU A 220 -1.19 18.86 -2.89
CA LEU A 220 -1.75 19.00 -4.23
C LEU A 220 -3.07 18.27 -4.42
N ASP A 221 -3.95 18.86 -5.22
CA ASP A 221 -5.23 18.24 -5.52
C ASP A 221 -4.84 17.22 -6.60
N MET A 222 -5.15 15.94 -6.39
CA MET A 222 -4.78 14.92 -7.38
C MET A 222 -5.77 14.79 -8.52
N MET A 223 -6.90 15.46 -8.40
CA MET A 223 -7.93 15.37 -9.42
C MET A 223 -7.81 16.38 -10.55
N PRO A 224 -8.40 16.06 -11.72
CA PRO A 224 -8.33 17.01 -12.84
C PRO A 224 -8.93 18.31 -12.31
N GLU A 225 -8.44 19.45 -12.79
CA GLU A 225 -8.95 20.72 -12.30
C GLU A 225 -10.45 20.94 -12.48
N ASN A 226 -11.07 20.21 -13.39
CA ASN A 226 -12.51 20.38 -13.63
C ASN A 226 -13.37 19.34 -12.93
N PHE A 227 -12.73 18.44 -12.19
CA PHE A 227 -13.46 17.40 -11.47
C PHE A 227 -14.15 18.02 -10.26
N SER A 228 -15.43 17.70 -10.07
CA SER A 228 -16.15 18.22 -8.91
C SER A 228 -17.24 17.24 -8.53
N ASP A 229 -16.83 15.99 -8.31
CA ASP A 229 -17.73 14.91 -7.93
C ASP A 229 -17.27 14.43 -6.54
N THR A 230 -17.80 13.31 -6.09
CA THR A 230 -17.44 12.76 -4.79
C THR A 230 -15.98 12.28 -4.78
N ARG A 231 -15.14 12.93 -3.99
CA ARG A 231 -13.74 12.56 -3.90
C ARG A 231 -13.61 11.26 -3.11
N TRP A 232 -12.89 10.30 -3.67
CA TRP A 232 -12.77 8.99 -3.03
C TRP A 232 -11.40 8.37 -3.34
N ALA A 233 -10.33 9.07 -2.95
CA ALA A 233 -8.97 8.61 -3.21
C ALA A 233 -8.67 7.30 -2.49
N ALA A 234 -7.76 6.52 -3.05
CA ALA A 234 -7.44 5.23 -2.45
C ALA A 234 -5.96 4.88 -2.24
N ASP A 235 -5.29 4.48 -3.30
CA ASP A 235 -3.90 4.03 -3.19
C ASP A 235 -2.85 5.01 -3.73
N ILE A 236 -1.61 4.80 -3.29
CA ILE A 236 -0.51 5.63 -3.72
C ILE A 236 0.79 4.82 -3.74
N HIS A 237 1.61 5.06 -4.76
CA HIS A 237 2.89 4.36 -4.90
C HIS A 237 3.89 5.21 -5.65
N ILE A 238 5.17 4.96 -5.37
CA ILE A 238 6.24 5.67 -6.03
C ILE A 238 7.15 4.62 -6.66
N THR A 239 7.74 4.95 -7.81
CA THR A 239 8.63 4.02 -8.49
C THR A 239 9.93 3.90 -7.71
N PRO A 240 10.70 2.82 -7.93
CA PRO A 240 11.97 2.61 -7.24
C PRO A 240 12.95 3.77 -7.35
N ASP A 241 13.04 4.37 -8.54
CA ASP A 241 13.97 5.49 -8.74
C ASP A 241 13.49 6.80 -8.13
N GLY A 242 12.29 6.80 -7.56
CA GLY A 242 11.76 8.00 -6.94
C GLY A 242 11.37 9.13 -7.87
N ARG A 243 11.31 8.86 -9.17
CA ARG A 243 10.98 9.90 -10.15
C ARG A 243 9.49 10.04 -10.47
N HIS A 244 8.71 8.98 -10.24
CA HIS A 244 7.28 9.01 -10.55
C HIS A 244 6.43 8.57 -9.37
N LEU A 245 5.36 9.31 -9.11
CA LEU A 245 4.45 8.98 -8.02
C LEU A 245 3.03 8.91 -8.56
N TYR A 246 2.31 7.86 -8.19
CA TYR A 246 0.93 7.68 -8.68
C TYR A 246 -0.08 7.53 -7.55
N ALA A 247 -1.32 7.96 -7.82
CA ALA A 247 -2.40 7.85 -6.85
C ALA A 247 -3.68 7.58 -7.64
N CYS A 248 -4.65 6.88 -7.03
CA CYS A 248 -5.88 6.59 -7.75
C CYS A 248 -7.12 7.06 -7.01
N ASP A 249 -8.18 7.32 -7.76
CA ASP A 249 -9.46 7.74 -7.16
C ASP A 249 -10.56 6.84 -7.66
N ARG A 250 -11.34 6.32 -6.70
CA ARG A 250 -12.43 5.40 -7.01
C ARG A 250 -13.64 5.96 -7.75
N THR A 251 -13.89 7.26 -7.61
CA THR A 251 -15.04 7.88 -8.29
C THR A 251 -14.75 8.15 -9.75
N ALA A 252 -13.61 8.78 -10.01
CA ALA A 252 -13.23 9.11 -11.38
C ALA A 252 -12.61 7.93 -12.11
N SER A 253 -12.27 6.88 -11.36
CA SER A 253 -11.61 5.70 -11.94
C SER A 253 -10.41 6.19 -12.75
N LEU A 254 -9.55 6.95 -12.09
CA LEU A 254 -8.34 7.47 -12.73
C LEU A 254 -7.10 7.27 -11.88
N ILE A 255 -5.96 7.27 -12.56
CA ILE A 255 -4.67 7.16 -11.90
C ILE A 255 -4.03 8.50 -12.22
N THR A 256 -3.71 9.26 -11.19
CA THR A 256 -3.08 10.55 -11.40
C THR A 256 -1.57 10.33 -11.44
N VAL A 257 -0.93 10.90 -12.46
CA VAL A 257 0.51 10.78 -12.64
C VAL A 257 1.20 12.03 -12.10
N PHE A 258 2.18 11.84 -11.23
CA PHE A 258 2.94 12.95 -10.67
C PHE A 258 4.41 12.74 -10.99
N SER A 259 5.12 13.83 -11.26
CA SER A 259 6.56 13.74 -11.49
C SER A 259 7.13 14.24 -10.16
N VAL A 260 8.31 13.75 -9.78
CA VAL A 260 8.93 14.13 -8.51
C VAL A 260 10.24 14.89 -8.73
N SER A 261 10.44 15.99 -8.02
CA SER A 261 11.67 16.77 -8.18
C SER A 261 12.87 15.90 -7.81
N GLU A 262 14.06 16.33 -8.22
CA GLU A 262 15.28 15.58 -7.94
C GLU A 262 15.52 15.31 -6.46
N ASP A 263 15.23 16.27 -5.59
CA ASP A 263 15.44 16.04 -4.16
C ASP A 263 14.22 15.41 -3.51
N GLY A 264 13.17 15.24 -4.30
CA GLY A 264 11.94 14.64 -3.82
C GLY A 264 11.02 15.53 -3.00
N SER A 265 11.26 16.84 -2.97
CA SER A 265 10.42 17.72 -2.17
C SER A 265 9.23 18.33 -2.90
N VAL A 266 9.27 18.33 -4.22
CA VAL A 266 8.20 18.95 -5.00
C VAL A 266 7.54 18.04 -6.03
N LEU A 267 6.22 17.90 -5.92
CA LEU A 267 5.45 17.09 -6.85
C LEU A 267 4.84 17.97 -7.93
N SER A 268 4.65 17.38 -9.11
CA SER A 268 4.04 18.10 -10.23
C SER A 268 3.06 17.17 -10.94
N LYS A 269 1.82 17.62 -11.10
CA LYS A 269 0.79 16.84 -11.77
C LYS A 269 1.05 16.82 -13.26
N GLU A 270 1.28 15.63 -13.81
CA GLU A 270 1.58 15.49 -15.24
C GLU A 270 0.37 15.13 -16.09
N GLY A 271 -0.52 14.31 -15.55
CA GLY A 271 -1.69 13.91 -16.31
C GLY A 271 -2.51 12.85 -15.59
N PHE A 272 -3.53 12.35 -16.27
CA PHE A 272 -4.40 11.35 -15.68
C PHE A 272 -4.64 10.19 -16.63
N GLN A 273 -4.73 9.00 -16.07
CA GLN A 273 -4.95 7.81 -16.87
C GLN A 273 -6.25 7.09 -16.52
N PRO A 274 -7.21 7.03 -17.46
CA PRO A 274 -8.46 6.34 -17.16
C PRO A 274 -8.08 4.88 -16.92
N THR A 275 -8.69 4.23 -15.93
CA THR A 275 -8.32 2.85 -15.65
C THR A 275 -9.52 1.98 -15.24
N GLU A 276 -9.24 0.77 -14.77
CA GLU A 276 -10.28 -0.17 -14.37
C GLU A 276 -11.29 0.49 -13.43
N THR A 277 -12.58 0.22 -13.67
CA THR A 277 -13.65 0.80 -12.87
C THR A 277 -13.50 0.65 -11.36
N GLN A 278 -13.53 1.80 -10.67
CA GLN A 278 -13.39 1.89 -9.22
C GLN A 278 -12.09 1.25 -8.72
N PRO A 279 -10.95 1.88 -9.03
CA PRO A 279 -9.64 1.39 -8.62
C PRO A 279 -9.31 1.68 -7.15
N ARG A 280 -9.30 0.63 -6.33
CA ARG A 280 -8.99 0.79 -4.92
C ARG A 280 -7.52 0.43 -4.70
N GLY A 281 -6.99 -0.48 -5.51
CA GLY A 281 -5.60 -0.87 -5.37
C GLY A 281 -4.83 -1.03 -6.67
N PHE A 282 -3.53 -0.78 -6.62
CA PHE A 282 -2.65 -0.93 -7.77
C PHE A 282 -1.22 -0.96 -7.23
N ASN A 283 -0.25 -1.14 -8.10
CA ASN A 283 1.15 -1.12 -7.68
C ASN A 283 2.02 -1.03 -8.92
N VAL A 284 3.32 -0.85 -8.72
CA VAL A 284 4.26 -0.76 -9.82
C VAL A 284 5.27 -1.88 -9.62
N ASP A 285 5.93 -2.30 -10.69
CA ASP A 285 6.92 -3.39 -10.55
C ASP A 285 8.24 -2.86 -10.03
N HIS A 286 9.17 -3.76 -9.78
CA HIS A 286 10.48 -3.37 -9.26
C HIS A 286 11.39 -2.68 -10.26
N SER A 287 11.07 -2.73 -11.55
CA SER A 287 11.92 -2.06 -12.54
C SER A 287 11.43 -0.64 -12.79
N GLY A 288 10.27 -0.31 -12.21
CA GLY A 288 9.70 1.01 -12.39
C GLY A 288 9.23 1.26 -13.81
N LYS A 289 8.96 0.19 -14.54
CA LYS A 289 8.52 0.31 -15.93
C LYS A 289 7.05 -0.06 -16.14
N TYR A 290 6.48 -0.85 -15.23
CA TYR A 290 5.09 -1.24 -15.39
C TYR A 290 4.20 -0.92 -14.18
N LEU A 291 2.94 -0.60 -14.46
CA LEU A 291 1.97 -0.28 -13.43
C LEU A 291 0.75 -1.19 -13.62
N ILE A 292 0.37 -1.91 -12.56
CA ILE A 292 -0.78 -2.82 -12.61
C ILE A 292 -1.88 -2.30 -11.69
N ALA A 293 -3.06 -2.06 -12.26
CA ALA A 293 -4.18 -1.53 -11.49
C ALA A 293 -5.42 -2.43 -11.53
N ALA A 294 -6.07 -2.60 -10.39
CA ALA A 294 -7.27 -3.43 -10.30
C ALA A 294 -8.55 -2.61 -10.23
N GLY A 295 -9.62 -3.16 -10.80
CA GLY A 295 -10.90 -2.48 -10.79
C GLY A 295 -11.84 -3.20 -9.86
N GLN A 296 -12.14 -2.57 -8.73
CA GLN A 296 -13.03 -3.17 -7.74
C GLN A 296 -14.41 -3.50 -8.34
N LYS A 297 -14.83 -2.75 -9.35
CA LYS A 297 -16.11 -2.99 -9.99
C LYS A 297 -15.98 -3.56 -11.41
N SER A 298 -14.74 -3.78 -11.85
CA SER A 298 -14.52 -4.34 -13.19
C SER A 298 -14.04 -5.79 -13.12
N HIS A 299 -13.51 -6.18 -11.96
CA HIS A 299 -13.05 -7.55 -11.76
C HIS A 299 -11.95 -7.90 -12.76
N HIS A 300 -11.17 -6.90 -13.13
CA HIS A 300 -10.07 -7.04 -14.08
C HIS A 300 -8.91 -6.18 -13.62
N ILE A 301 -7.72 -6.46 -14.14
CA ILE A 301 -6.54 -5.67 -13.85
C ILE A 301 -5.98 -5.29 -15.20
N SER A 302 -5.39 -4.11 -15.28
CA SER A 302 -4.78 -3.64 -16.52
C SER A 302 -3.32 -3.34 -16.23
N VAL A 303 -2.47 -3.63 -17.19
CA VAL A 303 -1.04 -3.38 -17.05
C VAL A 303 -0.67 -2.23 -17.98
N TYR A 304 0.09 -1.28 -17.45
CA TYR A 304 0.51 -0.12 -18.23
C TYR A 304 2.02 0.03 -18.17
N GLU A 305 2.59 0.58 -19.24
CA GLU A 305 4.03 0.82 -19.26
C GLU A 305 4.24 2.28 -18.87
N ILE A 306 5.20 2.53 -17.99
CA ILE A 306 5.52 3.88 -17.55
C ILE A 306 6.49 4.42 -18.60
N VAL A 307 6.07 5.45 -19.32
CA VAL A 307 6.88 6.00 -20.41
C VAL A 307 7.52 7.38 -20.21
N GLY A 308 8.78 7.49 -20.63
CA GLY A 308 9.51 8.74 -20.57
C GLY A 308 9.69 9.45 -19.23
N GLU A 309 10.06 10.72 -19.31
CA GLU A 309 10.30 11.56 -18.15
C GLU A 309 9.01 11.85 -17.40
N GLN A 310 7.95 12.17 -18.13
CA GLN A 310 6.66 12.47 -17.52
C GLN A 310 6.09 11.24 -16.84
N GLY A 311 6.50 10.07 -17.29
CA GLY A 311 6.01 8.84 -16.69
C GLY A 311 4.55 8.56 -16.93
N LEU A 312 4.03 9.02 -18.07
CA LEU A 312 2.62 8.78 -18.41
C LEU A 312 2.44 7.29 -18.65
N LEU A 313 1.20 6.84 -18.63
CA LEU A 313 0.90 5.42 -18.78
C LEU A 313 0.39 4.99 -20.16
N HIS A 314 0.89 3.85 -20.64
CA HIS A 314 0.50 3.31 -21.93
C HIS A 314 -0.02 1.88 -21.73
N GLU A 315 -1.33 1.68 -21.96
CA GLU A 315 -1.94 0.38 -21.78
C GLU A 315 -1.32 -0.70 -22.64
N LYS A 316 -1.03 -1.84 -22.02
CA LYS A 316 -0.42 -2.98 -22.69
C LYS A 316 -1.33 -4.21 -22.70
N GLY A 317 -2.01 -4.46 -21.58
CA GLY A 317 -2.87 -5.62 -21.51
C GLY A 317 -3.95 -5.56 -20.44
N ARG A 318 -4.93 -6.44 -20.57
CA ARG A 318 -6.04 -6.51 -19.62
C ARG A 318 -6.26 -7.97 -19.25
N TYR A 319 -6.37 -8.23 -17.96
CA TYR A 319 -6.54 -9.59 -17.47
C TYR A 319 -7.69 -9.75 -16.47
N ALA A 320 -8.39 -10.87 -16.60
CA ALA A 320 -9.48 -11.16 -15.69
C ALA A 320 -8.93 -11.74 -14.40
N VAL A 321 -9.47 -11.31 -13.27
CA VAL A 321 -9.04 -11.82 -11.98
C VAL A 321 -10.29 -12.28 -11.23
N GLY A 322 -10.30 -12.15 -9.91
CA GLY A 322 -11.45 -12.55 -9.14
C GLY A 322 -12.47 -11.43 -9.01
N GLN A 323 -13.46 -11.61 -8.16
CA GLN A 323 -14.48 -10.57 -7.98
C GLN A 323 -14.05 -9.50 -6.97
N GLY A 324 -14.20 -8.24 -7.36
CA GLY A 324 -13.85 -7.14 -6.49
C GLY A 324 -12.38 -7.02 -6.12
N PRO A 325 -11.46 -7.14 -7.09
CA PRO A 325 -10.04 -7.03 -6.75
C PRO A 325 -9.73 -5.64 -6.19
N MET A 326 -8.90 -5.58 -5.15
CA MET A 326 -8.56 -4.29 -4.53
C MET A 326 -7.17 -4.18 -3.88
N TRP A 327 -6.25 -5.08 -4.23
CA TRP A 327 -4.91 -5.01 -3.68
C TRP A 327 -3.91 -5.67 -4.60
N VAL A 328 -2.79 -5.00 -4.81
CA VAL A 328 -1.75 -5.49 -5.71
C VAL A 328 -0.35 -5.33 -5.11
N VAL A 329 0.46 -6.39 -5.24
CA VAL A 329 1.83 -6.36 -4.75
C VAL A 329 2.69 -7.13 -5.74
N VAL A 330 3.95 -6.73 -5.86
CA VAL A 330 4.86 -7.38 -6.78
C VAL A 330 6.11 -7.84 -6.03
N ASN A 331 6.49 -9.10 -6.23
CA ASN A 331 7.69 -9.64 -5.60
C ASN A 331 8.71 -9.95 -6.69
N ALA A 332 9.92 -9.48 -6.50
CA ALA A 332 11.00 -9.71 -7.46
C ALA A 332 11.97 -10.76 -6.89
N HIS A 333 12.48 -11.61 -7.77
CA HIS A 333 13.44 -12.66 -7.39
C HIS A 333 14.35 -13.02 -8.56
N GLU A 334 15.60 -13.35 -8.26
CA GLU A 334 16.59 -13.72 -9.27
C GLU A 334 16.26 -15.05 -9.94
#